data_4F27
#
_entry.id   4F27
#
_cell.length_a   70.983
_cell.length_b   70.983
_cell.length_c   174.908
_cell.angle_alpha   90.00
_cell.angle_beta   90.00
_cell.angle_gamma   120.00
#
_symmetry.space_group_name_H-M   'P 31 2 1'
#
loop_
_entity.id
_entity.type
_entity.pdbx_description
1 polymer 'Clumping factor B'
2 polymer 'peptide from Fibrinogen alpha chain'
3 non-polymer 'MAGNESIUM ION'
4 water water
#
loop_
_entity_poly.entity_id
_entity_poly.type
_entity_poly.pdbx_seq_one_letter_code
_entity_poly.pdbx_strand_id
1 'polypeptide(L)'
;(MSE)RGSHHHHHHENLYFQGSLAVAEPVVNAADAKGTNVNDKVTASDFKLEKTAFDPNQSGNTF(MSE)AANFKVTGQV
KSGDYFTAKLPDSVTGNGDVDYSNSNNT(MSE)PIADIKSTNGDVVAKATYDILTKTYTFVFTDYVNDKENINGQFSLPL
FTDRAKAPKSGTYDANINIADE(MSE)FDNKITYNYSSPIAGIDKPNGANISSQIIGVDTASGQNTYKQTVFVNPKQRVL
GNTWVYIKGYQDKIEESSGKVSATDTKLRIFEVNDTSKLSDSYYADPNDSNLKEVTGEFKDKISYKYDNVASINFGDINK
TYVVLVEGHYDNTGKNLKTQVIQENIDPATGKDYSIFGWNNENVVRYGGGSADGDSAVN
;
A
2 'polypeptide(L)' ASGSSGTGSTGNQ Q
#
loop_
_chem_comp.id
_chem_comp.type
_chem_comp.name
_chem_comp.formula
MG non-polymer 'MAGNESIUM ION' 'Mg 2'
#
# COMPACT_ATOMS: atom_id res chain seq x y z
N ASP A 30 30.61 -13.21 5.50
CA ASP A 30 29.24 -12.81 5.87
C ASP A 30 28.53 -11.89 4.84
N ALA A 31 29.25 -10.94 4.25
CA ALA A 31 28.62 -9.97 3.34
C ALA A 31 28.08 -10.66 2.07
N LYS A 32 27.04 -10.06 1.47
CA LYS A 32 26.43 -10.58 0.24
C LYS A 32 27.52 -10.85 -0.81
N GLY A 33 27.57 -12.09 -1.27
CA GLY A 33 28.69 -12.58 -2.06
C GLY A 33 28.25 -13.13 -3.41
N THR A 34 28.32 -14.44 -3.56
CA THR A 34 28.02 -15.10 -4.82
C THR A 34 26.53 -15.45 -4.97
N ASN A 35 25.99 -15.20 -6.17
CA ASN A 35 24.63 -15.62 -6.53
C ASN A 35 24.62 -17.12 -6.78
N VAL A 36 23.85 -17.87 -6.00
CA VAL A 36 23.83 -19.32 -6.15
C VAL A 36 22.46 -19.81 -6.59
N ASN A 37 21.73 -18.97 -7.33
CA ASN A 37 20.48 -19.39 -7.97
C ASN A 37 20.65 -20.72 -8.73
N ASP A 38 21.83 -20.92 -9.33
CA ASP A 38 22.08 -22.14 -10.09
C ASP A 38 22.15 -23.40 -9.21
N LYS A 39 22.18 -23.21 -7.88
CA LYS A 39 22.26 -24.36 -6.94
C LYS A 39 20.94 -24.54 -6.17
N VAL A 40 19.98 -23.65 -6.39
CA VAL A 40 18.77 -23.62 -5.61
C VAL A 40 17.57 -23.89 -6.50
N THR A 41 16.78 -24.90 -6.15
CA THR A 41 15.54 -25.18 -6.86
C THR A 41 14.32 -25.00 -5.97
N ALA A 42 13.39 -24.18 -6.43
CA ALA A 42 12.14 -23.90 -5.70
C ALA A 42 11.08 -24.84 -6.24
N SER A 43 10.08 -25.18 -5.46
CA SER A 43 9.11 -26.17 -5.88
C SER A 43 7.83 -26.04 -5.08
N ASP A 44 6.80 -26.76 -5.53
CA ASP A 44 5.47 -26.68 -4.93
C ASP A 44 5.01 -25.25 -4.68
N PHE A 45 5.13 -24.41 -5.70
CA PHE A 45 4.75 -23.02 -5.58
C PHE A 45 3.23 -22.87 -5.53
N LYS A 46 2.71 -22.04 -4.62
CA LYS A 46 1.27 -21.87 -4.49
C LYS A 46 1.03 -20.44 -4.09
N LEU A 47 0.01 -19.80 -4.66
CA LEU A 47 -0.51 -18.56 -4.08
C LEU A 47 -1.62 -18.91 -3.09
N GLU A 48 -1.77 -18.13 -2.04
CA GLU A 48 -2.75 -18.48 -1.03
C GLU A 48 -4.14 -18.35 -1.65
N LYS A 49 -4.33 -17.29 -2.43
CA LYS A 49 -5.53 -17.11 -3.24
C LYS A 49 -5.19 -16.30 -4.49
N THR A 50 -6.01 -16.43 -5.55
CA THR A 50 -5.70 -15.70 -6.81
C THR A 50 -6.64 -14.53 -7.12
N ALA A 51 -7.56 -14.23 -6.21
CA ALA A 51 -8.50 -13.12 -6.40
C ALA A 51 -8.77 -12.45 -5.08
N PHE A 52 -8.61 -11.14 -5.04
CA PHE A 52 -8.94 -10.39 -3.82
C PHE A 52 -9.17 -8.92 -4.13
N ASP A 53 -9.51 -8.18 -3.08
CA ASP A 53 -9.90 -6.76 -3.16
C ASP A 53 -8.97 -5.95 -2.29
N PRO A 54 -7.95 -5.32 -2.90
CA PRO A 54 -6.96 -4.55 -2.15
C PRO A 54 -7.54 -3.33 -1.46
N ASN A 55 -8.77 -2.96 -1.78
CA ASN A 55 -9.42 -1.83 -1.11
C ASN A 55 -10.20 -2.23 0.13
N GLN A 56 -10.18 -3.53 0.41
CA GLN A 56 -10.73 -4.00 1.68
C GLN A 56 -9.66 -4.90 2.33
N SER A 57 -8.40 -4.45 2.24
CA SER A 57 -7.27 -5.11 2.89
C SER A 57 -6.98 -6.51 2.35
N GLY A 58 -7.39 -6.75 1.11
CA GLY A 58 -7.17 -8.05 0.50
C GLY A 58 -5.71 -8.18 0.07
N ASN A 59 -5.14 -9.37 0.27
CA ASN A 59 -3.75 -9.67 -0.17
C ASN A 59 -3.64 -11.15 -0.32
N THR A 60 -2.47 -11.62 -0.77
CA THR A 60 -2.27 -13.05 -0.85
C THR A 60 -0.90 -13.36 -0.26
N PHE A 61 -0.44 -14.59 -0.45
CA PHE A 61 0.89 -15.00 -0.02
C PHE A 61 1.44 -15.88 -1.14
N MSE A 62 2.76 -15.85 -1.33
CA MSE A 62 3.39 -16.91 -2.09
C MSE A 62 4.05 -17.89 -1.14
O MSE A 62 4.65 -17.48 -0.16
CB MSE A 62 4.44 -16.34 -3.06
CG MSE A 62 5.39 -15.35 -2.50
SE MSE A 62 6.83 -15.08 -3.89
CE MSE A 62 8.12 -14.18 -2.73
N ALA A 63 3.92 -19.18 -1.41
CA ALA A 63 4.51 -20.19 -0.57
C ALA A 63 5.25 -21.10 -1.52
N ALA A 64 6.45 -21.52 -1.12
CA ALA A 64 7.24 -22.40 -1.95
C ALA A 64 8.16 -23.16 -1.04
N ASN A 65 8.54 -24.37 -1.47
CA ASN A 65 9.67 -25.06 -0.89
C ASN A 65 10.93 -24.71 -1.69
N PHE A 66 12.10 -24.86 -1.09
CA PHE A 66 13.35 -24.71 -1.86
C PHE A 66 14.35 -25.69 -1.30
N LYS A 67 15.30 -26.08 -2.15
CA LYS A 67 16.37 -26.98 -1.74
C LYS A 67 17.66 -26.60 -2.46
N VAL A 68 18.77 -26.79 -1.78
CA VAL A 68 20.10 -26.49 -2.30
C VAL A 68 20.76 -27.79 -2.78
N THR A 69 21.20 -27.82 -4.04
CA THR A 69 21.99 -28.96 -4.50
C THR A 69 23.45 -28.73 -4.14
N GLY A 70 24.00 -29.60 -3.28
CA GLY A 70 25.37 -29.45 -2.80
C GLY A 70 25.52 -28.52 -1.60
N GLN A 71 26.70 -27.91 -1.46
CA GLN A 71 26.96 -27.05 -0.32
C GLN A 71 27.01 -25.56 -0.71
N VAL A 72 26.60 -24.71 0.21
CA VAL A 72 26.78 -23.27 0.07
C VAL A 72 27.61 -22.78 1.24
N LYS A 73 27.94 -21.51 1.24
CA LYS A 73 28.75 -20.93 2.30
C LYS A 73 28.12 -19.63 2.71
N SER A 74 28.50 -19.12 3.88
CA SER A 74 27.96 -17.84 4.35
C SER A 74 28.21 -16.74 3.30
N GLY A 75 27.21 -15.94 3.01
CA GLY A 75 27.33 -14.92 1.98
C GLY A 75 26.79 -15.30 0.62
N ASP A 76 26.71 -16.61 0.34
CA ASP A 76 26.01 -17.06 -0.85
C ASP A 76 24.56 -16.62 -0.78
N TYR A 77 23.96 -16.28 -1.92
CA TYR A 77 22.59 -15.80 -1.87
C TYR A 77 21.77 -16.31 -3.03
N PHE A 78 20.46 -16.37 -2.85
CA PHE A 78 19.56 -16.64 -3.97
C PHE A 78 18.44 -15.62 -3.95
N THR A 79 17.71 -15.50 -5.06
CA THR A 79 16.74 -14.43 -5.18
C THR A 79 15.37 -14.88 -5.65
N ALA A 80 14.40 -14.01 -5.43
CA ALA A 80 13.11 -14.16 -6.07
C ALA A 80 12.70 -12.80 -6.60
N LYS A 81 12.04 -12.75 -7.76
CA LYS A 81 11.77 -11.48 -8.45
C LYS A 81 10.28 -11.42 -8.78
N LEU A 82 9.65 -10.29 -8.46
CA LEU A 82 8.22 -10.08 -8.67
C LEU A 82 7.99 -9.29 -9.96
N PRO A 83 6.85 -9.54 -10.64
CA PRO A 83 6.51 -8.82 -11.88
C PRO A 83 5.77 -7.51 -11.63
N ASP A 84 5.37 -6.82 -12.69
CA ASP A 84 4.72 -5.52 -12.54
C ASP A 84 3.46 -5.55 -11.64
N SER A 85 2.66 -6.61 -11.68
CA SER A 85 1.34 -6.57 -11.04
C SER A 85 1.29 -6.68 -9.53
N VAL A 86 2.39 -7.08 -8.89
CA VAL A 86 2.41 -7.31 -7.44
C VAL A 86 3.56 -6.61 -6.75
N THR A 87 3.44 -6.42 -5.44
CA THR A 87 4.54 -5.88 -4.64
C THR A 87 4.71 -6.66 -3.36
N GLY A 88 5.89 -6.58 -2.77
CA GLY A 88 6.14 -7.24 -1.49
C GLY A 88 5.82 -6.37 -0.29
N ASN A 89 5.64 -5.07 -0.52
CA ASN A 89 5.45 -4.12 0.58
C ASN A 89 4.01 -3.63 0.72
N GLY A 90 3.28 -3.62 -0.40
CA GLY A 90 1.88 -3.20 -0.36
C GLY A 90 1.80 -1.75 0.06
N ASP A 91 0.88 -1.45 0.96
CA ASP A 91 0.66 -0.08 1.43
C ASP A 91 1.68 0.41 2.49
N VAL A 92 2.77 -0.34 2.69
CA VAL A 92 3.82 0.16 3.59
C VAL A 92 4.93 0.73 2.70
N ASP A 93 5.36 1.97 3.00
CA ASP A 93 6.24 2.77 2.15
C ASP A 93 7.68 2.76 2.69
N TYR A 94 8.65 2.47 1.82
CA TYR A 94 10.04 2.37 2.29
C TYR A 94 10.93 3.40 1.62
N SER A 95 10.30 4.42 1.02
CA SER A 95 11.06 5.43 0.32
C SER A 95 11.96 6.20 1.28
N ASN A 96 11.62 6.24 2.56
CA ASN A 96 12.49 6.94 3.51
C ASN A 96 13.53 6.03 4.13
N SER A 97 13.57 4.77 3.69
CA SER A 97 14.52 3.77 4.19
C SER A 97 15.27 3.14 3.03
N ASN A 98 15.66 3.98 2.08
CA ASN A 98 16.48 3.54 0.94
C ASN A 98 15.83 2.39 0.13
N ASN A 99 14.49 2.38 0.09
CA ASN A 99 13.74 1.41 -0.72
C ASN A 99 14.07 -0.03 -0.40
N THR A 100 14.38 -0.27 0.86
CA THR A 100 14.78 -1.60 1.28
C THR A 100 13.96 -1.99 2.49
N MSE A 101 13.45 -3.21 2.47
CA MSE A 101 12.74 -3.70 3.63
C MSE A 101 13.30 -5.02 4.13
O MSE A 101 13.50 -5.96 3.36
CB MSE A 101 11.24 -3.80 3.33
CG MSE A 101 10.79 -4.96 2.49
SE MSE A 101 8.81 -5.29 2.56
CE MSE A 101 8.62 -5.43 4.40
N PRO A 102 13.58 -5.10 5.44
CA PRO A 102 13.91 -6.41 6.00
C PRO A 102 12.74 -7.36 5.89
N ILE A 103 13.05 -8.65 5.79
CA ILE A 103 12.03 -9.70 5.69
C ILE A 103 12.35 -10.64 6.85
N ALA A 104 11.38 -11.46 7.26
CA ALA A 104 11.60 -12.41 8.32
C ALA A 104 12.80 -13.33 8.04
N ASP A 105 13.52 -13.71 9.08
CA ASP A 105 14.64 -14.63 8.95
C ASP A 105 14.13 -16.02 8.69
N ILE A 106 14.88 -16.75 7.86
CA ILE A 106 14.65 -18.17 7.66
C ILE A 106 15.44 -18.90 8.76
N LYS A 107 14.70 -19.59 9.62
CA LYS A 107 15.23 -20.17 10.86
C LYS A 107 15.08 -21.68 10.89
N SER A 108 16.03 -22.36 11.54
CA SER A 108 15.92 -23.80 11.73
C SER A 108 15.04 -24.15 12.94
N THR A 109 14.94 -25.42 13.27
CA THR A 109 14.10 -25.88 14.38
C THR A 109 14.59 -25.30 15.72
N ASN A 110 15.91 -25.35 15.93
CA ASN A 110 16.52 -24.79 17.12
C ASN A 110 16.37 -23.26 17.19
N GLY A 111 15.94 -22.64 16.11
CA GLY A 111 15.77 -21.20 16.07
C GLY A 111 16.94 -20.44 15.43
N ASP A 112 17.99 -21.15 15.02
CA ASP A 112 19.20 -20.55 14.44
C ASP A 112 18.87 -19.89 13.09
N VAL A 113 19.51 -18.76 12.80
CA VAL A 113 19.18 -18.09 11.54
C VAL A 113 19.95 -18.78 10.40
N VAL A 114 19.21 -19.25 9.40
CA VAL A 114 19.82 -19.96 8.27
C VAL A 114 20.11 -18.97 7.11
N ALA A 115 19.19 -18.04 6.92
CA ALA A 115 19.38 -16.98 5.91
C ALA A 115 18.76 -15.72 6.42
N LYS A 116 19.39 -14.58 6.18
CA LYS A 116 18.66 -13.33 6.42
C LYS A 116 18.17 -12.80 5.10
N ALA A 117 17.04 -12.11 5.10
CA ALA A 117 16.38 -11.77 3.85
C ALA A 117 16.03 -10.30 3.80
N THR A 118 16.15 -9.70 2.61
CA THR A 118 15.60 -8.37 2.41
C THR A 118 14.88 -8.27 1.06
N TYR A 119 14.16 -7.17 0.84
CA TYR A 119 13.41 -7.00 -0.38
C TYR A 119 13.63 -5.59 -0.87
N ASP A 120 13.97 -5.45 -2.16
CA ASP A 120 14.16 -4.11 -2.76
C ASP A 120 12.86 -3.63 -3.40
N ILE A 121 12.35 -2.49 -2.96
CA ILE A 121 11.03 -2.03 -3.43
C ILE A 121 11.02 -1.63 -4.90
N LEU A 122 12.13 -1.05 -5.35
CA LEU A 122 12.26 -0.56 -6.72
C LEU A 122 12.44 -1.70 -7.72
N THR A 123 13.31 -2.64 -7.41
CA THR A 123 13.59 -3.74 -8.33
C THR A 123 12.72 -4.99 -8.09
N LYS A 124 11.90 -4.96 -7.02
CA LYS A 124 11.03 -6.06 -6.60
C LYS A 124 11.76 -7.40 -6.49
N THR A 125 12.96 -7.33 -5.92
CA THR A 125 13.81 -8.47 -5.79
C THR A 125 13.95 -8.79 -4.29
N TYR A 126 13.71 -10.05 -3.93
CA TYR A 126 14.03 -10.56 -2.62
C TYR A 126 15.41 -11.20 -2.71
N THR A 127 16.23 -10.96 -1.70
CA THR A 127 17.54 -11.59 -1.61
C THR A 127 17.67 -12.31 -0.27
N PHE A 128 17.92 -13.62 -0.36
CA PHE A 128 18.13 -14.50 0.78
C PHE A 128 19.61 -14.81 0.87
N VAL A 129 20.26 -14.25 1.88
CA VAL A 129 21.70 -14.49 2.08
C VAL A 129 21.98 -15.48 3.20
N PHE A 130 22.66 -16.58 2.88
CA PHE A 130 22.96 -17.60 3.87
C PHE A 130 23.95 -17.12 4.93
N THR A 131 23.77 -17.61 6.14
CA THR A 131 24.66 -17.28 7.26
C THR A 131 25.67 -18.39 7.43
N ASP A 132 26.56 -18.26 8.41
CA ASP A 132 27.56 -19.30 8.61
C ASP A 132 26.96 -20.66 9.08
N TYR A 133 25.68 -20.65 9.45
CA TYR A 133 24.97 -21.90 9.77
C TYR A 133 25.17 -22.93 8.67
N VAL A 134 25.23 -22.47 7.43
CA VAL A 134 25.31 -23.37 6.29
C VAL A 134 26.69 -23.93 6.04
N ASN A 135 27.74 -23.36 6.64
CA ASN A 135 29.08 -23.74 6.25
C ASN A 135 29.37 -25.25 6.42
N ASP A 136 28.90 -25.83 7.52
CA ASP A 136 29.18 -27.25 7.79
C ASP A 136 28.03 -28.19 7.38
N LYS A 137 27.09 -27.66 6.59
CA LYS A 137 25.90 -28.43 6.23
C LYS A 137 25.88 -28.79 4.74
N GLU A 138 24.96 -29.69 4.40
CA GLU A 138 24.71 -30.00 3.00
C GLU A 138 23.25 -30.33 2.74
N ASN A 139 22.82 -30.10 1.50
CA ASN A 139 21.45 -30.38 1.08
C ASN A 139 20.42 -29.67 1.96
N ILE A 140 20.72 -28.41 2.25
CA ILE A 140 19.79 -27.57 2.98
C ILE A 140 18.49 -27.49 2.20
N ASN A 141 17.35 -27.61 2.89
CA ASN A 141 16.05 -27.44 2.28
C ASN A 141 15.13 -26.71 3.23
N GLY A 142 14.13 -26.04 2.69
CA GLY A 142 13.20 -25.34 3.54
C GLY A 142 12.01 -24.82 2.77
N GLN A 143 11.37 -23.79 3.32
CA GLN A 143 10.12 -23.30 2.76
C GLN A 143 9.89 -21.90 3.28
N PHE A 144 9.11 -21.10 2.55
CA PHE A 144 8.70 -19.80 3.04
C PHE A 144 7.26 -19.44 2.60
N SER A 145 6.66 -18.51 3.35
CA SER A 145 5.38 -17.88 2.96
C SER A 145 5.57 -16.41 3.12
N LEU A 146 5.42 -15.67 2.03
CA LEU A 146 5.59 -14.24 2.07
C LEU A 146 4.36 -13.57 1.50
N PRO A 147 3.90 -12.51 2.17
CA PRO A 147 2.70 -11.80 1.75
C PRO A 147 2.96 -11.02 0.45
N LEU A 148 2.02 -11.05 -0.48
CA LEU A 148 2.14 -10.27 -1.73
C LEU A 148 0.90 -9.43 -1.84
N PHE A 149 1.05 -8.23 -2.39
CA PHE A 149 0.02 -7.22 -2.44
C PHE A 149 -0.10 -6.74 -3.85
N THR A 150 -1.16 -6.00 -4.15
CA THR A 150 -1.26 -5.35 -5.44
C THR A 150 -0.15 -4.32 -5.63
N ASP A 151 0.12 -3.97 -6.88
CA ASP A 151 0.89 -2.76 -7.20
C ASP A 151 -0.17 -1.78 -7.70
N ARG A 152 -0.55 -0.83 -6.87
CA ARG A 152 -1.67 0.06 -7.20
C ARG A 152 -1.39 0.92 -8.44
N ALA A 153 -0.11 1.19 -8.70
CA ALA A 153 0.29 2.05 -9.82
C ALA A 153 0.27 1.26 -11.11
N LYS A 154 0.78 0.04 -11.07
CA LYS A 154 0.92 -0.77 -12.28
C LYS A 154 -0.29 -1.64 -12.56
N ALA A 155 -1.14 -1.81 -11.55
CA ALA A 155 -2.41 -2.52 -11.72
C ALA A 155 -3.57 -1.64 -11.28
N PRO A 156 -3.77 -0.51 -11.99
CA PRO A 156 -4.68 0.50 -11.43
C PRO A 156 -6.16 0.19 -11.59
N LYS A 157 -6.52 -0.75 -12.46
CA LYS A 157 -7.93 -1.05 -12.71
C LYS A 157 -8.24 -2.48 -12.28
N SER A 158 -9.49 -2.72 -11.88
CA SER A 158 -9.92 -4.08 -11.63
C SER A 158 -9.80 -4.96 -12.87
N GLY A 159 -9.47 -6.23 -12.67
CA GLY A 159 -9.19 -7.10 -13.79
C GLY A 159 -8.21 -8.19 -13.45
N THR A 160 -7.92 -9.02 -14.44
CA THR A 160 -6.94 -10.08 -14.26
C THR A 160 -5.61 -9.74 -14.91
N TYR A 161 -4.53 -10.01 -14.19
CA TYR A 161 -3.18 -9.66 -14.60
C TYR A 161 -2.30 -10.86 -14.51
N ASP A 162 -1.26 -10.89 -15.33
CA ASP A 162 -0.23 -11.91 -15.18
C ASP A 162 0.58 -11.60 -13.94
N ALA A 163 0.94 -12.64 -13.19
CA ALA A 163 1.78 -12.46 -12.02
C ALA A 163 2.80 -13.58 -12.05
N ASN A 164 3.69 -13.53 -13.04
CA ASN A 164 4.70 -14.56 -13.21
C ASN A 164 5.90 -14.21 -12.36
N ILE A 165 6.27 -15.12 -11.45
CA ILE A 165 7.24 -14.82 -10.41
C ILE A 165 8.49 -15.67 -10.57
N ASN A 166 9.67 -15.07 -10.44
CA ASN A 166 10.92 -15.81 -10.61
C ASN A 166 11.42 -16.21 -9.23
N ILE A 167 11.73 -17.48 -9.01
CA ILE A 167 12.46 -17.84 -7.81
C ILE A 167 13.68 -18.62 -8.25
N ALA A 168 14.86 -18.13 -7.91
CA ALA A 168 16.11 -18.84 -8.22
C ALA A 168 16.25 -19.20 -9.70
N ASP A 169 16.00 -18.21 -10.57
CA ASP A 169 16.12 -18.36 -12.03
C ASP A 169 15.07 -19.27 -12.68
N GLU A 170 13.97 -19.52 -11.98
CA GLU A 170 12.91 -20.34 -12.54
C GLU A 170 11.63 -19.56 -12.42
N MSE A 171 10.79 -19.65 -13.46
CA MSE A 171 9.54 -18.89 -13.50
C MSE A 171 8.39 -19.76 -13.01
O MSE A 171 8.30 -20.94 -13.33
CB MSE A 171 9.24 -18.45 -14.92
CG MSE A 171 10.32 -17.56 -15.49
SE MSE A 171 10.38 -15.86 -14.52
CE MSE A 171 8.53 -15.54 -14.30
N PHE A 172 7.51 -19.15 -12.22
CA PHE A 172 6.29 -19.78 -11.76
C PHE A 172 5.18 -18.85 -12.23
N ASP A 173 4.45 -19.28 -13.25
CA ASP A 173 3.41 -18.44 -13.84
C ASP A 173 2.09 -18.46 -13.07
N ASN A 174 1.49 -17.29 -12.90
CA ASN A 174 0.18 -17.17 -12.23
C ASN A 174 -0.63 -16.06 -12.87
N LYS A 175 -1.94 -16.07 -12.60
CA LYS A 175 -2.81 -14.94 -12.90
C LYS A 175 -3.36 -14.46 -11.56
N ILE A 176 -3.50 -13.16 -11.37
CA ILE A 176 -4.12 -12.64 -10.17
C ILE A 176 -5.24 -11.69 -10.59
N THR A 177 -6.37 -11.79 -9.90
CA THR A 177 -7.51 -10.92 -10.20
C THR A 177 -7.74 -9.93 -9.06
N TYR A 178 -7.73 -8.65 -9.39
CA TYR A 178 -8.04 -7.61 -8.43
C TYR A 178 -9.46 -7.13 -8.64
N ASN A 179 -10.31 -7.33 -7.65
CA ASN A 179 -11.66 -6.81 -7.68
C ASN A 179 -11.71 -5.65 -6.70
N TYR A 180 -11.23 -4.49 -7.13
CA TYR A 180 -11.12 -3.36 -6.22
C TYR A 180 -12.52 -2.87 -5.85
N SER A 181 -12.77 -2.61 -4.57
CA SER A 181 -14.03 -1.96 -4.20
C SER A 181 -14.00 -0.58 -4.82
N SER A 182 -15.01 -0.23 -5.61
CA SER A 182 -14.95 1.05 -6.35
C SER A 182 -14.76 2.26 -5.45
N PRO A 183 -13.87 3.18 -5.84
CA PRO A 183 -13.74 4.46 -5.12
C PRO A 183 -14.93 5.40 -5.40
N ILE A 184 -15.80 5.02 -6.31
CA ILE A 184 -16.91 5.88 -6.69
C ILE A 184 -18.12 5.58 -5.81
N ALA A 185 -18.23 6.32 -4.70
CA ALA A 185 -19.18 6.03 -3.63
C ALA A 185 -19.74 7.32 -3.03
N GLY A 186 -20.96 7.27 -2.49
CA GLY A 186 -21.53 8.44 -1.86
C GLY A 186 -23.04 8.39 -1.73
N ILE A 187 -23.66 9.51 -1.35
CA ILE A 187 -25.11 9.55 -1.09
C ILE A 187 -25.86 9.30 -2.40
N ASP A 188 -26.95 8.56 -2.32
CA ASP A 188 -27.70 8.16 -3.50
C ASP A 188 -28.79 9.18 -3.90
N LYS A 189 -28.36 10.41 -4.20
CA LYS A 189 -29.21 11.44 -4.81
C LYS A 189 -28.40 12.07 -5.94
N PRO A 190 -29.07 12.77 -6.86
CA PRO A 190 -28.35 13.35 -8.01
C PRO A 190 -27.37 14.45 -7.61
N ASN A 191 -27.66 15.13 -6.50
CA ASN A 191 -26.72 16.11 -5.94
C ASN A 191 -26.06 15.66 -4.62
N GLY A 192 -25.91 14.35 -4.46
CA GLY A 192 -25.45 13.78 -3.20
C GLY A 192 -23.96 13.94 -2.93
N ALA A 193 -23.63 14.25 -1.68
CA ALA A 193 -22.22 14.23 -1.29
C ALA A 193 -21.58 12.88 -1.55
N ASN A 194 -20.35 12.91 -2.08
CA ASN A 194 -19.68 11.70 -2.48
C ASN A 194 -18.18 11.94 -2.51
N ILE A 195 -17.45 11.05 -1.84
CA ILE A 195 -16.01 11.21 -1.63
C ILE A 195 -15.48 9.90 -1.13
N SER A 196 -14.22 9.61 -1.47
CA SER A 196 -13.60 8.39 -0.96
C SER A 196 -12.12 8.64 -0.81
N SER A 197 -11.43 7.71 -0.17
CA SER A 197 -9.98 7.86 0.06
C SER A 197 -9.31 6.55 0.39
N GLN A 198 -7.99 6.51 0.26
CA GLN A 198 -7.24 5.34 0.69
C GLN A 198 -5.83 5.75 1.10
N ILE A 199 -5.35 5.19 2.20
CA ILE A 199 -3.97 5.41 2.63
C ILE A 199 -3.08 4.40 1.91
N ILE A 200 -2.25 4.87 0.99
CA ILE A 200 -1.58 3.93 0.09
C ILE A 200 -0.07 3.85 0.37
N GLY A 201 0.38 4.59 1.37
CA GLY A 201 1.78 4.52 1.77
C GLY A 201 1.93 4.94 3.20
N VAL A 202 2.42 4.04 4.05
CA VAL A 202 2.72 4.40 5.43
C VAL A 202 4.17 4.03 5.74
N ASP A 203 4.94 5.02 6.20
CA ASP A 203 6.35 4.80 6.56
C ASP A 203 6.43 4.37 8.02
N THR A 204 6.69 3.09 8.23
CA THR A 204 6.80 2.55 9.57
C THR A 204 8.26 2.34 10.02
N ALA A 205 9.19 2.45 9.08
CA ALA A 205 10.56 2.03 9.35
C ALA A 205 11.49 3.17 9.71
N SER A 206 11.35 4.30 9.01
CA SER A 206 12.41 5.31 9.05
C SER A 206 12.44 6.14 10.32
N GLY A 207 11.28 6.32 10.96
CA GLY A 207 11.20 7.20 12.11
C GLY A 207 10.56 8.52 11.74
N GLN A 208 10.50 8.81 10.45
CA GLN A 208 9.89 10.05 10.00
C GLN A 208 8.38 9.99 10.20
N ASN A 209 7.80 8.80 10.18
CA ASN A 209 6.34 8.65 10.35
C ASN A 209 5.47 9.43 9.35
N THR A 210 5.82 9.36 8.08
CA THR A 210 5.00 9.97 7.04
C THR A 210 3.87 9.02 6.63
N TYR A 211 2.80 9.55 6.04
CA TYR A 211 1.87 8.67 5.32
C TYR A 211 1.40 9.41 4.09
N LYS A 212 0.93 8.66 3.10
CA LYS A 212 0.48 9.21 1.84
C LYS A 212 -0.94 8.73 1.59
N GLN A 213 -1.86 9.68 1.37
CA GLN A 213 -3.25 9.31 1.20
C GLN A 213 -3.84 9.94 -0.04
N THR A 214 -4.59 9.18 -0.83
CA THR A 214 -5.27 9.78 -1.99
C THR A 214 -6.73 9.98 -1.63
N VAL A 215 -7.26 11.15 -1.97
CA VAL A 215 -8.68 11.47 -1.74
C VAL A 215 -9.31 11.83 -3.08
N PHE A 216 -10.42 11.17 -3.41
CA PHE A 216 -11.22 11.52 -4.57
C PHE A 216 -12.45 12.29 -4.09
N VAL A 217 -12.51 13.55 -4.50
CA VAL A 217 -13.61 14.46 -4.19
C VAL A 217 -14.56 14.48 -5.39
N ASN A 218 -15.84 14.21 -5.13
CA ASN A 218 -16.88 14.16 -6.17
C ASN A 218 -16.54 13.14 -7.26
N PRO A 219 -16.17 11.90 -6.88
CA PRO A 219 -15.87 10.98 -7.98
C PRO A 219 -17.11 10.61 -8.79
N LYS A 220 -18.32 10.90 -8.28
CA LYS A 220 -19.53 10.73 -9.07
C LYS A 220 -19.64 11.82 -10.13
N GLN A 221 -18.83 12.87 -10.02
CA GLN A 221 -18.82 13.97 -11.00
C GLN A 221 -20.21 14.61 -11.09
N ARG A 222 -20.84 14.78 -9.94
CA ARG A 222 -22.14 15.44 -9.86
C ARG A 222 -21.94 16.94 -9.78
N VAL A 223 -23.03 17.68 -9.93
CA VAL A 223 -22.96 19.13 -9.79
C VAL A 223 -23.40 19.49 -8.38
N LEU A 224 -22.45 20.04 -7.62
CA LEU A 224 -22.56 20.21 -6.17
C LEU A 224 -22.46 21.68 -5.81
N GLY A 225 -23.24 22.09 -4.82
CA GLY A 225 -23.23 23.49 -4.42
C GLY A 225 -22.54 23.63 -3.09
N ASN A 226 -21.80 24.72 -2.90
CA ASN A 226 -21.23 25.06 -1.59
C ASN A 226 -20.51 23.89 -0.94
N THR A 227 -19.60 23.28 -1.69
CA THR A 227 -18.97 22.03 -1.28
C THR A 227 -17.83 22.24 -0.28
N TRP A 228 -17.90 21.51 0.84
CA TRP A 228 -16.81 21.53 1.82
C TRP A 228 -16.27 20.14 2.07
N VAL A 229 -14.95 20.02 2.12
CA VAL A 229 -14.31 18.73 2.36
C VAL A 229 -13.44 18.83 3.62
N TYR A 230 -13.46 17.77 4.42
CA TYR A 230 -12.72 17.70 5.67
C TYR A 230 -11.85 16.48 5.66
N ILE A 231 -10.56 16.67 5.94
CA ILE A 231 -9.63 15.53 6.00
C ILE A 231 -9.13 15.41 7.44
N LYS A 232 -9.54 14.35 8.12
CA LYS A 232 -9.24 14.19 9.55
C LYS A 232 -8.13 13.18 9.76
N GLY A 233 -7.34 13.41 10.81
CA GLY A 233 -6.27 12.48 11.19
C GLY A 233 -6.79 11.42 12.15
N TYR A 234 -8.13 11.34 12.25
CA TYR A 234 -8.77 10.38 13.17
C TYR A 234 -10.18 10.10 12.66
N GLN A 235 -10.88 9.19 13.34
CA GLN A 235 -12.25 8.85 12.96
C GLN A 235 -13.16 9.49 13.98
N ASP A 236 -13.71 8.73 14.92
CA ASP A 236 -14.61 9.34 15.90
C ASP A 236 -13.91 9.78 17.18
N LYS A 237 -12.73 9.23 17.43
CA LYS A 237 -12.09 9.47 18.72
C LYS A 237 -10.61 9.86 18.52
N ILE A 238 -10.30 11.10 18.88
CA ILE A 238 -8.97 11.60 18.63
C ILE A 238 -7.95 10.70 19.28
N GLU A 239 -8.22 10.34 20.53
CA GLU A 239 -7.27 9.56 21.29
C GLU A 239 -7.04 8.15 20.72
N GLU A 240 -7.83 7.72 19.72
CA GLU A 240 -7.66 6.36 19.18
C GLU A 240 -6.96 6.33 17.83
N SER A 241 -6.41 7.46 17.39
CA SER A 241 -5.62 7.46 16.15
C SER A 241 -4.31 8.18 16.32
N SER A 242 -3.26 7.70 15.65
CA SER A 242 -1.95 8.37 15.70
C SER A 242 -1.83 9.50 14.70
N GLY A 243 -2.81 9.64 13.82
CA GLY A 243 -2.72 10.63 12.77
C GLY A 243 -2.63 12.05 13.32
N LYS A 244 -1.82 12.87 12.66
CA LYS A 244 -1.72 14.28 13.05
C LYS A 244 -1.87 15.12 11.83
N VAL A 245 -3.03 15.75 11.67
CA VAL A 245 -3.21 16.68 10.56
C VAL A 245 -3.12 18.13 11.07
N SER A 246 -2.27 18.94 10.43
CA SER A 246 -1.98 20.31 10.87
C SER A 246 -1.19 21.05 9.79
N ALA A 247 -1.07 22.37 9.92
CA ALA A 247 -0.33 23.16 8.94
C ALA A 247 1.13 22.72 8.83
N THR A 248 1.69 22.17 9.91
CA THR A 248 3.11 21.80 9.92
C THR A 248 3.33 20.34 9.59
N ASP A 249 2.31 19.51 9.80
CA ASP A 249 2.44 18.07 9.56
C ASP A 249 1.85 17.58 8.23
N THR A 250 1.17 18.45 7.50
CA THR A 250 0.35 17.97 6.38
C THR A 250 0.61 18.85 5.18
N LYS A 251 0.80 18.28 4.00
CA LYS A 251 0.79 19.12 2.80
C LYS A 251 -0.27 18.58 1.87
N LEU A 252 -1.02 19.46 1.23
CA LEU A 252 -2.12 19.03 0.34
C LEU A 252 -1.81 19.49 -1.07
N ARG A 253 -1.99 18.61 -2.05
CA ARG A 253 -1.98 19.07 -3.46
C ARG A 253 -3.32 18.71 -4.07
N ILE A 254 -3.89 19.65 -4.83
CA ILE A 254 -5.25 19.49 -5.33
C ILE A 254 -5.25 19.56 -6.86
N PHE A 255 -5.88 18.57 -7.50
CA PHE A 255 -5.84 18.46 -8.95
C PHE A 255 -7.25 18.36 -9.46
N GLU A 256 -7.53 19.09 -10.52
CA GLU A 256 -8.79 19.00 -11.22
C GLU A 256 -8.65 17.87 -12.24
N VAL A 257 -9.63 16.97 -12.29
CA VAL A 257 -9.57 15.80 -13.17
C VAL A 257 -10.26 16.09 -14.50
N ASN A 258 -9.55 15.91 -15.61
CA ASN A 258 -10.18 16.18 -16.90
C ASN A 258 -11.22 15.08 -17.19
N ASP A 259 -10.76 13.82 -17.17
CA ASP A 259 -11.59 12.68 -17.52
C ASP A 259 -11.65 11.68 -16.35
N THR A 260 -12.80 11.65 -15.68
CA THR A 260 -12.96 10.86 -14.47
C THR A 260 -12.82 9.39 -14.77
N SER A 261 -13.27 8.95 -15.95
CA SER A 261 -13.14 7.54 -16.34
C SER A 261 -11.71 7.05 -16.22
N LYS A 262 -10.75 7.97 -16.33
CA LYS A 262 -9.36 7.55 -16.38
C LYS A 262 -8.71 7.37 -15.01
N LEU A 263 -9.44 7.72 -13.96
CA LEU A 263 -8.92 7.56 -12.60
C LEU A 263 -8.83 6.08 -12.25
N SER A 264 -7.87 5.76 -11.39
CA SER A 264 -7.63 4.38 -10.98
C SER A 264 -8.75 3.81 -10.12
N ASP A 265 -8.91 2.49 -10.13
CA ASP A 265 -9.78 1.83 -9.14
C ASP A 265 -8.98 1.62 -7.85
N SER A 266 -7.66 1.70 -7.98
CA SER A 266 -6.74 1.33 -6.90
C SER A 266 -6.40 2.47 -5.95
N TYR A 267 -6.84 3.67 -6.29
CA TYR A 267 -6.51 4.92 -5.58
C TYR A 267 -5.11 5.49 -5.87
N TYR A 268 -4.32 4.81 -6.67
CA TYR A 268 -3.08 5.44 -7.11
C TYR A 268 -3.39 6.62 -8.01
N ALA A 269 -2.64 7.72 -7.85
CA ALA A 269 -2.86 8.85 -8.75
C ALA A 269 -1.51 9.57 -8.95
N ASP A 270 -1.06 9.64 -10.21
CA ASP A 270 0.23 10.21 -10.54
C ASP A 270 0.11 11.72 -10.74
N PRO A 271 0.77 12.53 -9.87
CA PRO A 271 0.67 13.98 -10.01
C PRO A 271 1.13 14.49 -11.37
N ASN A 272 1.85 13.69 -12.14
CA ASN A 272 2.37 14.15 -13.44
C ASN A 272 1.52 13.70 -14.65
N ASP A 273 0.45 12.95 -14.37
CA ASP A 273 -0.44 12.46 -15.40
C ASP A 273 -1.19 13.67 -15.96
N SER A 274 -1.23 13.82 -17.28
CA SER A 274 -1.83 15.01 -17.88
C SER A 274 -3.33 15.10 -17.60
N ASN A 275 -3.95 13.96 -17.27
CA ASN A 275 -5.37 13.96 -16.92
C ASN A 275 -5.68 14.78 -15.66
N LEU A 276 -4.65 15.03 -14.85
CA LEU A 276 -4.77 15.80 -13.61
C LEU A 276 -4.14 17.17 -13.83
N LYS A 277 -4.90 18.22 -13.55
CA LYS A 277 -4.34 19.54 -13.62
C LYS A 277 -4.21 20.11 -12.22
N GLU A 278 -2.98 20.28 -11.75
CA GLU A 278 -2.82 20.82 -10.41
C GLU A 278 -3.37 22.24 -10.30
N VAL A 279 -4.23 22.45 -9.28
CA VAL A 279 -4.81 23.77 -9.04
C VAL A 279 -4.56 24.25 -7.61
N THR A 280 -3.57 23.65 -6.94
CA THR A 280 -3.22 23.98 -5.53
C THR A 280 -3.13 25.48 -5.22
N GLY A 281 -2.57 26.23 -6.16
CA GLY A 281 -2.42 27.67 -5.97
C GLY A 281 -3.75 28.41 -5.95
N GLU A 282 -4.83 27.74 -6.32
CA GLU A 282 -6.13 28.40 -6.33
C GLU A 282 -6.83 28.18 -4.99
N PHE A 283 -6.18 27.46 -4.10
CA PHE A 283 -6.82 27.13 -2.84
C PHE A 283 -6.13 27.72 -1.62
N LYS A 284 -5.30 28.74 -1.82
CA LYS A 284 -4.48 29.21 -0.72
C LYS A 284 -5.31 29.89 0.36
N ASP A 285 -6.44 30.46 -0.04
CA ASP A 285 -7.39 31.06 0.89
C ASP A 285 -8.53 30.11 1.27
N LYS A 286 -8.40 28.85 0.92
CA LYS A 286 -9.54 27.96 1.03
C LYS A 286 -9.28 26.75 1.87
N ILE A 287 -8.07 26.68 2.44
CA ILE A 287 -7.64 25.53 3.24
C ILE A 287 -7.45 26.02 4.69
N SER A 288 -8.06 25.33 5.65
CA SER A 288 -7.97 25.77 7.04
C SER A 288 -7.62 24.64 8.00
N TYR A 289 -6.65 24.91 8.85
CA TYR A 289 -6.23 23.92 9.85
C TYR A 289 -6.66 24.43 11.22
N LYS A 290 -7.66 25.31 11.22
CA LYS A 290 -8.14 25.94 12.44
C LYS A 290 -8.60 24.92 13.51
N TYR A 291 -9.24 23.82 13.08
CA TYR A 291 -9.83 22.87 14.04
C TYR A 291 -8.93 21.67 14.34
N ASP A 292 -9.26 20.93 15.40
CA ASP A 292 -8.29 19.94 15.89
C ASP A 292 -8.16 18.71 15.03
N ASN A 293 -6.96 18.53 14.48
CA ASN A 293 -6.62 17.30 13.76
C ASN A 293 -7.48 17.13 12.51
N VAL A 294 -7.85 18.25 11.90
CA VAL A 294 -8.61 18.21 10.68
C VAL A 294 -8.21 19.37 9.77
N ALA A 295 -8.20 19.13 8.47
CA ALA A 295 -8.06 20.22 7.51
C ALA A 295 -9.36 20.35 6.73
N SER A 296 -9.85 21.57 6.61
CA SER A 296 -11.04 21.83 5.82
C SER A 296 -10.63 22.50 4.50
N ILE A 297 -11.32 22.14 3.42
CA ILE A 297 -11.07 22.69 2.10
C ILE A 297 -12.39 23.18 1.52
N ASN A 298 -12.44 24.45 1.13
CA ASN A 298 -13.64 25.08 0.57
C ASN A 298 -13.66 24.93 -0.95
N PHE A 299 -14.36 23.92 -1.48
CA PHE A 299 -14.41 23.72 -2.93
C PHE A 299 -15.44 24.61 -3.64
N GLY A 300 -16.49 25.02 -2.92
CA GLY A 300 -17.52 25.85 -3.53
C GLY A 300 -18.42 25.08 -4.50
N ASP A 301 -18.86 25.75 -5.56
CA ASP A 301 -19.72 25.14 -6.56
C ASP A 301 -18.86 24.39 -7.57
N ILE A 302 -19.00 23.06 -7.62
CA ILE A 302 -18.21 22.25 -8.53
C ILE A 302 -19.05 21.29 -9.39
N ASN A 303 -18.47 20.85 -10.51
CA ASN A 303 -19.10 19.86 -11.38
C ASN A 303 -18.10 18.81 -11.91
N LYS A 304 -16.88 18.86 -11.40
CA LYS A 304 -15.83 17.89 -11.77
C LYS A 304 -15.40 17.11 -10.55
N THR A 305 -14.61 16.09 -10.81
CA THR A 305 -13.95 15.34 -9.79
C THR A 305 -12.60 16.01 -9.54
N TYR A 306 -12.16 16.00 -8.28
CA TYR A 306 -10.83 16.49 -7.92
C TYR A 306 -10.12 15.38 -7.20
N VAL A 307 -8.79 15.37 -7.30
CA VAL A 307 -7.96 14.48 -6.54
C VAL A 307 -7.22 15.31 -5.50
N VAL A 308 -7.20 14.85 -4.26
CA VAL A 308 -6.38 15.52 -3.27
C VAL A 308 -5.31 14.54 -2.80
N LEU A 309 -4.06 14.90 -2.99
CA LEU A 309 -2.97 14.04 -2.55
C LEU A 309 -2.49 14.62 -1.24
N VAL A 310 -2.56 13.79 -0.21
CA VAL A 310 -2.23 14.17 1.16
C VAL A 310 -0.89 13.56 1.49
N GLU A 311 0.05 14.39 1.92
CA GLU A 311 1.28 13.90 2.51
C GLU A 311 1.23 14.27 3.97
N GLY A 312 1.04 13.29 4.84
CA GLY A 312 0.88 13.58 6.25
C GLY A 312 1.89 12.91 7.16
N HIS A 313 1.64 13.01 8.46
CA HIS A 313 2.48 12.39 9.48
C HIS A 313 1.61 11.80 10.58
N TYR A 314 2.16 10.81 11.29
CA TYR A 314 1.49 10.28 12.48
C TYR A 314 2.43 10.36 13.67
N ASP A 315 1.86 10.30 14.88
CA ASP A 315 2.66 10.56 16.07
C ASP A 315 3.37 9.31 16.57
N ASN A 316 4.04 9.39 17.73
CA ASN A 316 4.76 8.23 18.24
C ASN A 316 4.06 7.51 19.38
N THR A 317 2.73 7.61 19.41
CA THR A 317 1.94 6.98 20.48
C THR A 317 1.82 5.49 20.25
N GLY A 318 2.14 5.03 19.05
CA GLY A 318 1.98 3.63 18.70
C GLY A 318 0.54 3.23 18.44
N LYS A 319 -0.36 4.20 18.41
CA LYS A 319 -1.77 3.92 18.12
C LYS A 319 -1.92 3.64 16.63
N ASN A 320 -2.98 2.94 16.28
CA ASN A 320 -3.27 2.70 14.87
C ASN A 320 -3.48 4.03 14.11
N LEU A 321 -3.06 4.10 12.84
CA LEU A 321 -3.39 5.27 12.02
C LEU A 321 -4.79 5.08 11.40
N LYS A 322 -5.76 5.87 11.86
CA LYS A 322 -7.14 5.75 11.40
C LYS A 322 -7.58 7.13 10.92
N THR A 323 -8.25 7.21 9.76
CA THR A 323 -8.63 8.54 9.27
C THR A 323 -10.06 8.53 8.78
N GLN A 324 -10.61 9.73 8.57
CA GLN A 324 -11.92 9.88 7.98
C GLN A 324 -11.92 11.13 7.12
N VAL A 325 -12.51 11.04 5.93
CA VAL A 325 -12.72 12.25 5.10
C VAL A 325 -14.21 12.42 4.98
N ILE A 326 -14.66 13.66 4.90
CA ILE A 326 -16.09 13.95 4.88
C ILE A 326 -16.34 15.03 3.85
N GLN A 327 -17.46 14.94 3.14
CA GLN A 327 -17.83 16.02 2.24
C GLN A 327 -19.29 16.35 2.46
N GLU A 328 -19.60 17.64 2.48
CA GLU A 328 -20.98 18.09 2.57
C GLU A 328 -21.21 19.08 1.44
N ASN A 329 -22.46 19.21 1.02
CA ASN A 329 -22.82 20.14 -0.04
C ASN A 329 -24.32 20.30 -0.08
N ILE A 330 -24.78 21.23 -0.93
CA ILE A 330 -26.20 21.35 -1.22
C ILE A 330 -26.47 21.11 -2.71
N ASP A 331 -27.75 21.15 -3.06
CA ASP A 331 -28.23 21.24 -4.44
C ASP A 331 -28.16 22.72 -4.87
N PRO A 332 -27.32 23.01 -5.87
CA PRO A 332 -27.03 24.38 -6.32
C PRO A 332 -28.22 25.06 -7.00
N ALA A 333 -29.07 24.30 -7.68
CA ALA A 333 -30.28 24.87 -8.30
C ALA A 333 -31.36 25.24 -7.30
N THR A 334 -31.38 24.60 -6.13
CA THR A 334 -32.46 24.85 -5.16
C THR A 334 -31.99 25.47 -3.83
N GLY A 335 -30.70 25.34 -3.54
CA GLY A 335 -30.15 25.85 -2.29
C GLY A 335 -30.37 24.95 -1.08
N LYS A 336 -31.10 23.86 -1.27
CA LYS A 336 -31.46 22.94 -0.20
C LYS A 336 -31.01 21.53 -0.54
N ASP A 337 -31.69 20.52 0.02
CA ASP A 337 -31.29 19.13 -0.21
C ASP A 337 -29.82 18.98 0.19
N TYR A 338 -29.49 19.46 1.38
CA TYR A 338 -28.18 19.22 1.98
C TYR A 338 -27.87 17.74 2.06
N SER A 339 -26.59 17.38 1.99
CA SER A 339 -26.20 16.03 2.34
C SER A 339 -24.74 16.00 2.80
N ILE A 340 -24.36 14.90 3.48
CA ILE A 340 -23.02 14.76 4.06
C ILE A 340 -22.64 13.29 3.99
N PHE A 341 -21.40 13.02 3.61
CA PHE A 341 -20.97 11.63 3.44
C PHE A 341 -19.58 11.51 4.03
N GLY A 342 -19.34 10.42 4.75
CA GLY A 342 -18.01 10.16 5.31
C GLY A 342 -17.42 8.84 4.84
N TRP A 343 -16.09 8.74 4.93
CA TRP A 343 -15.36 7.59 4.40
C TRP A 343 -14.15 7.34 5.30
N ASN A 344 -14.11 6.17 5.95
CA ASN A 344 -13.05 5.83 6.92
C ASN A 344 -11.94 5.04 6.23
N ASN A 345 -10.70 5.24 6.69
CA ASN A 345 -9.56 4.44 6.26
C ASN A 345 -8.81 3.90 7.48
N GLU A 346 -8.31 2.68 7.38
CA GLU A 346 -7.25 2.20 8.26
C GLU A 346 -6.60 1.04 7.50
N ASN A 347 -5.34 0.78 7.78
CA ASN A 347 -4.62 -0.34 7.11
C ASN A 347 -4.22 -1.47 8.05
N VAL A 348 -3.98 -2.66 7.50
CA VAL A 348 -3.58 -3.79 8.34
C VAL A 348 -2.18 -4.26 7.88
N VAL A 349 -1.45 -4.93 8.77
CA VAL A 349 -0.09 -5.41 8.46
C VAL A 349 -0.10 -6.91 8.32
N ARG A 350 0.63 -7.44 7.35
CA ARG A 350 0.74 -8.89 7.19
C ARG A 350 2.21 -9.27 7.33
N TYR A 351 2.48 -10.53 7.62
CA TYR A 351 3.81 -11.01 8.01
C TYR A 351 4.19 -12.22 7.17
N GLY A 352 5.49 -12.48 7.05
CA GLY A 352 5.98 -13.68 6.38
C GLY A 352 6.71 -14.58 7.34
N GLY A 353 7.12 -15.75 6.87
CA GLY A 353 7.78 -16.70 7.74
C GLY A 353 8.41 -17.75 6.87
N GLY A 354 9.43 -18.40 7.41
CA GLY A 354 10.13 -19.44 6.67
C GLY A 354 11.04 -20.23 7.58
N SER A 355 11.44 -21.40 7.09
CA SER A 355 12.30 -22.29 7.85
C SER A 355 13.21 -23.02 6.88
N ALA A 356 14.33 -23.50 7.38
CA ALA A 356 15.23 -24.33 6.58
C ALA A 356 16.14 -25.08 7.51
N ASP A 357 16.59 -26.26 7.08
CA ASP A 357 17.55 -27.06 7.85
C ASP A 357 18.36 -27.82 6.82
N GLY A 358 19.56 -28.23 7.20
CA GLY A 358 20.37 -29.09 6.35
C GLY A 358 20.96 -30.19 7.18
N ASP A 359 21.40 -31.26 6.52
CA ASP A 359 22.13 -32.33 7.20
C ASP A 359 23.61 -31.93 7.41
N SER A 360 24.20 -32.42 8.49
CA SER A 360 25.62 -32.15 8.78
C SER A 360 26.55 -33.06 7.99
N ALA B 1 -16.12 -2.44 10.22
CA ALA B 1 -15.57 -1.16 9.75
C ALA B 1 -16.07 -0.80 8.34
N SER B 2 -16.21 0.50 8.08
CA SER B 2 -16.74 1.02 6.79
C SER B 2 -15.68 1.77 5.97
N GLY B 3 -16.04 2.33 4.81
CA GLY B 3 -15.06 2.98 3.93
C GLY B 3 -14.22 1.98 3.14
N SER B 4 -12.92 2.06 3.30
CA SER B 4 -12.01 1.12 2.64
C SER B 4 -10.78 0.95 3.53
N SER B 5 -10.00 -0.09 3.28
CA SER B 5 -8.90 -0.35 4.15
C SER B 5 -7.78 -0.91 3.29
N GLY B 6 -6.55 -0.57 3.65
CA GLY B 6 -5.40 -1.06 2.87
C GLY B 6 -4.65 -2.14 3.60
N THR B 7 -3.49 -2.51 3.05
CA THR B 7 -2.76 -3.64 3.61
C THR B 7 -1.31 -3.58 3.09
N GLY B 8 -0.37 -4.02 3.92
CA GLY B 8 1.05 -3.96 3.56
C GLY B 8 1.85 -4.83 4.50
N SER B 9 3.18 -4.81 4.38
CA SER B 9 4.00 -5.60 5.26
C SER B 9 5.14 -4.74 5.80
N THR B 10 5.46 -4.90 7.08
CA THR B 10 6.61 -4.23 7.68
C THR B 10 7.80 -5.15 7.81
N GLY B 11 7.70 -6.34 7.22
CA GLY B 11 8.82 -7.26 7.22
C GLY B 11 9.11 -7.79 8.60
N ASN B 12 8.04 -7.98 9.38
CA ASN B 12 8.13 -8.58 10.71
C ASN B 12 8.94 -7.75 11.72
N GLN B 13 8.71 -6.45 11.70
CA GLN B 13 9.36 -5.53 12.66
C GLN B 13 8.33 -4.73 13.43
MG MG C . -5.63 22.11 13.84
MG MG D . 17.57 -22.44 -9.80
#